data_6A8Y
#
_entry.id   6A8Y
#
_entity_poly.entity_id   1
_entity_poly.type   'polypeptide(L)'
_entity_poly.pdbx_seq_one_letter_code
;YYHFWHRGVTKRSLSPHRPRHSRLQR
;
_entity_poly.pdbx_strand_id   A
#
# COMPACT_ATOMS: atom_id res chain seq x y z
N TYR A 1 15.73 1.93 7.61
CA TYR A 1 15.36 1.50 6.27
C TYR A 1 15.02 2.69 5.38
N TYR A 2 15.51 2.66 4.15
CA TYR A 2 15.25 3.74 3.21
C TYR A 2 14.14 3.36 2.24
N HIS A 3 14.12 2.10 1.84
CA HIS A 3 13.10 1.60 0.90
C HIS A 3 11.69 1.96 1.40
N PHE A 4 11.59 2.24 2.70
CA PHE A 4 10.30 2.59 3.29
C PHE A 4 9.73 3.84 2.65
N TRP A 5 10.58 4.58 1.94
CA TRP A 5 10.15 5.81 1.27
C TRP A 5 9.17 5.51 0.15
N HIS A 6 9.38 4.40 -0.52
CA HIS A 6 8.51 3.99 -1.62
C HIS A 6 7.69 2.76 -1.26
N ARG A 7 8.32 1.83 -0.53
CA ARG A 7 7.65 0.61 -0.11
C ARG A 7 6.63 0.89 0.98
N GLY A 8 7.10 1.33 2.14
CA GLY A 8 6.22 1.63 3.25
C GLY A 8 5.18 2.67 2.89
N VAL A 9 5.46 3.45 1.84
CA VAL A 9 4.54 4.49 1.40
C VAL A 9 3.57 3.96 0.34
N THR A 10 3.88 2.78 -0.19
CA THR A 10 3.04 2.17 -1.21
C THR A 10 1.60 2.03 -0.73
N LYS A 11 1.41 2.11 0.59
CA LYS A 11 0.08 2.00 1.17
C LYS A 11 -0.87 3.03 0.57
N ARG A 12 -0.37 4.25 0.39
CA ARG A 12 -1.17 5.32 -0.18
C ARG A 12 -1.21 5.23 -1.70
N SER A 13 -0.22 4.54 -2.28
CA SER A 13 -0.14 4.38 -3.72
C SER A 13 -0.98 3.20 -4.18
N LEU A 14 -1.31 2.32 -3.26
CA LEU A 14 -2.11 1.14 -3.56
C LEU A 14 -3.57 1.36 -3.18
N SER A 15 -3.78 2.13 -2.12
CA SER A 15 -5.13 2.41 -1.64
C SER A 15 -6.13 2.37 -2.78
N PRO A 16 -5.92 3.23 -3.79
CA PRO A 16 -6.80 3.31 -4.96
C PRO A 16 -6.69 2.07 -5.86
N HIS A 17 -6.95 0.91 -5.28
CA HIS A 17 -6.88 -0.34 -6.03
C HIS A 17 -8.00 -1.28 -5.61
N ARG A 18 -7.92 -2.54 -6.05
CA ARG A 18 -8.95 -3.53 -5.73
C ARG A 18 -9.25 -3.53 -4.24
N PRO A 19 -10.42 -2.97 -3.88
CA PRO A 19 -10.87 -2.89 -2.49
C PRO A 19 -11.22 -4.25 -1.91
N ARG A 20 -11.12 -5.29 -2.74
CA ARG A 20 -11.44 -6.65 -2.32
C ARG A 20 -10.50 -7.09 -1.19
N HIS A 21 -9.22 -7.23 -1.51
CA HIS A 21 -8.23 -7.64 -0.52
C HIS A 21 -7.68 -6.44 0.24
N SER A 22 -7.95 -5.26 -0.28
CA SER A 22 -7.47 -4.02 0.35
C SER A 22 -7.80 -4.01 1.84
N ARG A 23 -8.84 -4.77 2.22
CA ARG A 23 -9.25 -4.84 3.61
C ARG A 23 -8.24 -5.61 4.45
N LEU A 24 -7.54 -6.54 3.80
CA LEU A 24 -6.53 -7.35 4.49
C LEU A 24 -5.14 -6.80 4.25
N GLN A 25 -5.02 -5.90 3.28
CA GLN A 25 -3.72 -5.30 2.95
C GLN A 25 -3.50 -4.03 3.78
N ARG A 26 -4.56 -3.26 3.98
CA ARG A 26 -4.48 -2.02 4.75
C ARG A 26 -3.82 -2.27 6.10
N TYR A 1 15.66 -0.11 4.75
CA TYR A 1 15.67 1.09 5.57
C TYR A 1 15.25 2.32 4.75
N TYR A 2 15.69 2.35 3.51
CA TYR A 2 15.37 3.47 2.61
C TYR A 2 14.22 3.09 1.68
N HIS A 3 14.23 1.85 1.22
CA HIS A 3 13.19 1.37 0.31
C HIS A 3 11.80 1.68 0.86
N PHE A 4 11.71 1.85 2.18
CA PHE A 4 10.44 2.15 2.83
C PHE A 4 9.83 3.44 2.27
N TRP A 5 10.65 4.23 1.58
CA TRP A 5 10.20 5.48 1.00
C TRP A 5 9.19 5.22 -0.11
N HIS A 6 9.39 4.14 -0.87
CA HIS A 6 8.49 3.79 -1.95
C HIS A 6 7.71 2.52 -1.63
N ARG A 7 8.38 1.57 -0.99
CA ARG A 7 7.75 0.30 -0.61
C ARG A 7 6.74 0.51 0.52
N GLY A 8 7.25 0.89 1.69
CA GLY A 8 6.39 1.11 2.84
C GLY A 8 5.32 2.15 2.57
N VAL A 9 5.55 2.98 1.55
CA VAL A 9 4.60 4.03 1.18
C VAL A 9 3.61 3.53 0.14
N THR A 10 3.91 2.38 -0.45
CA THR A 10 3.05 1.80 -1.48
C THR A 10 1.62 1.69 -0.98
N LYS A 11 1.44 1.69 0.34
CA LYS A 11 0.12 1.59 0.94
C LYS A 11 -0.82 2.65 0.36
N ARG A 12 -0.30 3.85 0.16
CA ARG A 12 -1.10 4.95 -0.39
C ARG A 12 -1.16 4.85 -1.91
N SER A 13 -0.19 4.17 -2.51
CA SER A 13 -0.13 4.02 -3.95
C SER A 13 -1.03 2.87 -4.41
N LEU A 14 -1.38 1.99 -3.47
CA LEU A 14 -2.22 0.85 -3.77
C LEU A 14 -3.66 1.11 -3.33
N SER A 15 -3.82 1.90 -2.27
CA SER A 15 -5.14 2.22 -1.75
C SER A 15 -6.17 2.22 -2.86
N PRO A 16 -5.97 3.06 -3.89
CA PRO A 16 -6.87 3.16 -5.02
C PRO A 16 -6.85 1.92 -5.91
N HIS A 17 -7.11 0.76 -5.31
CA HIS A 17 -7.11 -0.50 -6.04
C HIS A 17 -8.28 -1.38 -5.62
N ARG A 18 -8.25 -2.64 -6.03
CA ARG A 18 -9.31 -3.58 -5.69
C ARG A 18 -9.64 -3.51 -4.20
N PRO A 19 -10.79 -2.89 -3.87
CA PRO A 19 -11.24 -2.75 -2.49
C PRO A 19 -11.67 -4.08 -1.87
N ARG A 20 -11.61 -5.14 -2.67
CA ARG A 20 -11.99 -6.47 -2.21
C ARG A 20 -11.11 -6.91 -1.03
N HIS A 21 -9.84 -7.15 -1.31
CA HIS A 21 -8.89 -7.57 -0.29
C HIS A 21 -8.29 -6.37 0.44
N SER A 22 -8.48 -5.18 -0.15
CA SER A 22 -7.95 -3.96 0.43
C SER A 22 -8.29 -3.86 1.91
N ARG A 23 -9.37 -4.53 2.30
CA ARG A 23 -9.82 -4.53 3.69
C ARG A 23 -8.79 -5.20 4.59
N LEU A 24 -8.08 -6.18 4.04
CA LEU A 24 -7.06 -6.91 4.80
C LEU A 24 -5.67 -6.34 4.52
N GLN A 25 -5.56 -5.52 3.48
CA GLN A 25 -4.29 -4.91 3.12
C GLN A 25 -4.10 -3.56 3.81
N ARG A 26 -5.20 -2.83 3.97
CA ARG A 26 -5.17 -1.53 4.61
C ARG A 26 -4.39 -1.59 5.93
N TYR A 1 16.75 -0.54 5.11
CA TYR A 1 15.50 0.08 5.52
C TYR A 1 15.22 1.35 4.71
N TYR A 2 15.66 1.34 3.45
CA TYR A 2 15.47 2.49 2.57
C TYR A 2 14.29 2.27 1.64
N HIS A 3 14.13 1.03 1.18
CA HIS A 3 13.04 0.68 0.27
C HIS A 3 11.70 1.16 0.82
N PHE A 4 11.65 1.34 2.14
CA PHE A 4 10.42 1.78 2.80
C PHE A 4 9.97 3.13 2.26
N TRP A 5 10.88 3.82 1.57
CA TRP A 5 10.58 5.12 0.99
C TRP A 5 9.54 5.00 -0.12
N HIS A 6 9.61 3.91 -0.86
CA HIS A 6 8.67 3.67 -1.96
C HIS A 6 7.73 2.51 -1.64
N ARG A 7 8.28 1.48 -1.00
CA ARG A 7 7.50 0.30 -0.63
C ARG A 7 6.54 0.62 0.50
N GLY A 8 7.10 0.92 1.68
CA GLY A 8 6.28 1.24 2.84
C GLY A 8 5.35 2.41 2.57
N VAL A 9 5.67 3.21 1.57
CA VAL A 9 4.85 4.37 1.21
C VAL A 9 3.80 4.00 0.17
N THR A 10 3.96 2.84 -0.44
CA THR A 10 3.03 2.37 -1.46
C THR A 10 1.62 2.23 -0.89
N LYS A 11 1.51 2.27 0.44
CA LYS A 11 0.23 2.15 1.10
C LYS A 11 -0.78 3.14 0.53
N ARG A 12 -0.33 4.36 0.26
CA ARG A 12 -1.19 5.39 -0.29
C ARG A 12 -1.27 5.27 -1.81
N SER A 13 -0.34 4.53 -2.39
CA SER A 13 -0.30 4.33 -3.84
C SER A 13 -1.13 3.12 -4.24
N LEU A 14 -1.43 2.26 -3.28
CA LEU A 14 -2.21 1.05 -3.53
C LEU A 14 -3.67 1.27 -3.14
N SER A 15 -3.89 2.07 -2.09
CA SER A 15 -5.24 2.35 -1.61
C SER A 15 -6.25 2.28 -2.75
N PRO A 16 -6.03 3.12 -3.79
CA PRO A 16 -6.91 3.16 -4.96
C PRO A 16 -6.80 1.91 -5.82
N HIS A 17 -7.06 0.75 -5.20
CA HIS A 17 -7.00 -0.52 -5.91
C HIS A 17 -8.12 -1.45 -5.48
N ARG A 18 -8.03 -2.72 -5.89
CA ARG A 18 -9.04 -3.70 -5.53
C ARG A 18 -9.37 -3.65 -4.04
N PRO A 19 -10.55 -3.08 -3.71
CA PRO A 19 -10.99 -2.96 -2.32
C PRO A 19 -11.35 -4.30 -1.70
N ARG A 20 -11.24 -5.36 -2.49
CA ARG A 20 -11.56 -6.70 -2.03
C ARG A 20 -10.66 -7.09 -0.85
N HIS A 21 -9.38 -7.27 -1.14
CA HIS A 21 -8.41 -7.64 -0.11
C HIS A 21 -7.87 -6.40 0.60
N SER A 22 -8.12 -5.23 0.02
CA SER A 22 -7.66 -3.98 0.60
C SER A 22 -8.03 -3.89 2.08
N ARG A 23 -9.07 -4.62 2.46
CA ARG A 23 -9.53 -4.63 3.85
C ARG A 23 -8.51 -5.31 4.76
N LEU A 24 -7.77 -6.26 4.20
CA LEU A 24 -6.76 -6.99 4.96
C LEU A 24 -5.37 -6.41 4.72
N GLN A 25 -5.26 -5.57 3.70
CA GLN A 25 -3.98 -4.94 3.37
C GLN A 25 -3.82 -3.61 4.10
N ARG A 26 -4.93 -2.89 4.24
CA ARG A 26 -4.92 -1.59 4.92
C ARG A 26 -4.23 -1.70 6.28
N TYR A 1 14.72 -0.31 5.26
CA TYR A 1 15.29 0.87 5.90
C TYR A 1 14.98 2.12 5.08
N TYR A 2 15.45 2.13 3.83
CA TYR A 2 15.23 3.27 2.94
C TYR A 2 14.08 2.99 1.98
N HIS A 3 13.99 1.75 1.50
CA HIS A 3 12.95 1.34 0.57
C HIS A 3 11.58 1.76 1.10
N PHE A 4 11.48 1.92 2.42
CA PHE A 4 10.22 2.31 3.05
C PHE A 4 9.72 3.64 2.49
N TRP A 5 10.60 4.37 1.82
CA TRP A 5 10.26 5.65 1.23
C TRP A 5 9.25 5.48 0.10
N HIS A 6 9.39 4.39 -0.65
CA HIS A 6 8.49 4.11 -1.77
C HIS A 6 7.62 2.90 -1.47
N ARG A 7 8.20 1.90 -0.82
CA ARG A 7 7.47 0.68 -0.47
C ARG A 7 6.46 0.94 0.64
N GLY A 8 6.97 1.28 1.82
CA GLY A 8 6.10 1.56 2.95
C GLY A 8 5.12 2.68 2.67
N VAL A 9 5.43 3.50 1.67
CA VAL A 9 4.56 4.60 1.29
C VAL A 9 3.56 4.19 0.21
N THR A 10 3.80 3.02 -0.39
CA THR A 10 2.93 2.51 -1.43
C THR A 10 1.50 2.33 -0.91
N LYS A 11 1.35 2.36 0.40
CA LYS A 11 0.04 2.20 1.03
C LYS A 11 -0.98 3.15 0.41
N ARG A 12 -0.55 4.38 0.15
CA ARG A 12 -1.43 5.39 -0.43
C ARG A 12 -1.46 5.25 -1.96
N SER A 13 -0.47 4.57 -2.51
CA SER A 13 -0.38 4.37 -3.95
C SER A 13 -1.18 3.14 -4.37
N LEU A 14 -1.48 2.27 -3.41
CA LEU A 14 -2.25 1.06 -3.69
C LEU A 14 -3.71 1.23 -3.30
N SER A 15 -3.96 2.05 -2.29
CA SER A 15 -5.32 2.31 -1.84
C SER A 15 -6.31 2.18 -2.99
N PRO A 16 -6.11 3.01 -4.02
CA PRO A 16 -6.99 3.01 -5.20
C PRO A 16 -6.82 1.74 -6.05
N HIS A 17 -7.04 0.59 -5.42
CA HIS A 17 -6.93 -0.69 -6.12
C HIS A 17 -8.04 -1.64 -5.69
N ARG A 18 -7.90 -2.90 -6.07
CA ARG A 18 -8.90 -3.92 -5.72
C ARG A 18 -9.25 -3.85 -4.25
N PRO A 19 -10.44 -3.31 -3.94
CA PRO A 19 -10.93 -3.19 -2.57
C PRO A 19 -11.26 -4.53 -1.94
N ARG A 20 -11.11 -5.60 -2.71
CA ARG A 20 -11.40 -6.95 -2.23
C ARG A 20 -10.51 -7.29 -1.04
N HIS A 21 -9.21 -7.43 -1.30
CA HIS A 21 -8.25 -7.78 -0.25
C HIS A 21 -7.76 -6.51 0.46
N SER A 22 -8.03 -5.35 -0.14
CA SER A 22 -7.61 -4.09 0.43
C SER A 22 -8.01 -4.00 1.90
N ARG A 23 -9.03 -4.74 2.29
CA ARG A 23 -9.51 -4.75 3.66
C ARG A 23 -8.49 -5.40 4.59
N LEU A 24 -7.71 -6.33 4.04
CA LEU A 24 -6.69 -7.03 4.82
C LEU A 24 -5.31 -6.41 4.59
N GLN A 25 -5.21 -5.57 3.56
CA GLN A 25 -3.95 -4.91 3.24
C GLN A 25 -3.84 -3.57 3.95
N ARG A 26 -4.97 -2.88 4.08
CA ARG A 26 -5.00 -1.58 4.73
C ARG A 26 -4.27 -1.62 6.07
N TYR A 1 16.41 1.86 6.99
CA TYR A 1 15.61 1.46 5.84
C TYR A 1 15.17 2.68 5.03
N TYR A 2 15.62 2.75 3.78
CA TYR A 2 15.27 3.86 2.90
C TYR A 2 14.15 3.47 1.96
N HIS A 3 14.17 2.23 1.48
CA HIS A 3 13.16 1.74 0.57
C HIS A 3 11.76 2.00 1.11
N PHE A 4 11.66 2.17 2.43
CA PHE A 4 10.38 2.43 3.07
C PHE A 4 9.75 3.71 2.53
N TRP A 5 10.55 4.52 1.85
CA TRP A 5 10.07 5.77 1.28
C TRP A 5 9.07 5.50 0.15
N HIS A 6 9.30 4.43 -0.60
CA HIS A 6 8.42 4.08 -1.70
C HIS A 6 7.66 2.78 -1.39
N ARG A 7 8.34 1.84 -0.76
CA ARG A 7 7.74 0.56 -0.39
C ARG A 7 6.73 0.73 0.73
N GLY A 8 7.23 1.11 1.91
CA GLY A 8 6.37 1.30 3.06
C GLY A 8 5.28 2.32 2.79
N VAL A 9 5.48 3.16 1.79
CA VAL A 9 4.51 4.19 1.44
C VAL A 9 3.52 3.68 0.39
N THR A 10 3.87 2.55 -0.23
CA THR A 10 3.01 1.96 -1.25
C THR A 10 1.59 1.75 -0.74
N LYS A 11 1.45 1.73 0.59
CA LYS A 11 0.14 1.55 1.21
C LYS A 11 -0.87 2.56 0.67
N ARG A 12 -0.42 3.80 0.52
CA ARG A 12 -1.29 4.86 0.02
C ARG A 12 -1.37 4.83 -1.50
N SER A 13 -0.37 4.23 -2.13
CA SER A 13 -0.32 4.12 -3.59
C SER A 13 -1.15 2.94 -4.07
N LEU A 14 -1.43 2.00 -3.16
CA LEU A 14 -2.21 0.82 -3.50
C LEU A 14 -3.65 0.97 -3.03
N SER A 15 -3.85 1.72 -1.96
CA SER A 15 -5.17 1.95 -1.41
C SER A 15 -6.23 1.90 -2.50
N PRO A 16 -6.09 2.77 -3.51
CA PRO A 16 -7.01 2.84 -4.64
C PRO A 16 -6.91 1.62 -5.56
N HIS A 17 -7.09 0.45 -4.98
CA HIS A 17 -7.01 -0.79 -5.75
C HIS A 17 -8.13 -1.76 -5.33
N ARG A 18 -8.01 -3.01 -5.77
CA ARG A 18 -9.00 -4.02 -5.45
C ARG A 18 -9.33 -4.01 -3.96
N PRO A 19 -10.51 -3.49 -3.61
CA PRO A 19 -10.96 -3.40 -2.22
C PRO A 19 -11.29 -4.77 -1.63
N ARG A 20 -11.16 -5.80 -2.46
CA ARG A 20 -11.45 -7.17 -2.02
C ARG A 20 -10.57 -7.56 -0.85
N HIS A 21 -9.28 -7.70 -1.10
CA HIS A 21 -8.33 -8.08 -0.06
C HIS A 21 -7.83 -6.85 0.69
N SER A 22 -8.05 -5.67 0.11
CA SER A 22 -7.63 -4.42 0.72
C SER A 22 -8.03 -4.37 2.19
N ARG A 23 -9.05 -5.15 2.54
CA ARG A 23 -9.54 -5.18 3.92
C ARG A 23 -8.45 -5.69 4.86
N LEU A 24 -7.60 -6.58 4.36
CA LEU A 24 -6.52 -7.14 5.17
C LEU A 24 -5.21 -6.43 4.88
N GLN A 25 -5.19 -5.63 3.82
CA GLN A 25 -3.99 -4.90 3.43
C GLN A 25 -3.95 -3.53 4.12
N ARG A 26 -5.10 -2.89 4.22
CA ARG A 26 -5.21 -1.58 4.85
C ARG A 26 -4.59 -1.60 6.25
N TYR A 1 16.77 -0.35 5.50
CA TYR A 1 15.55 0.29 5.97
C TYR A 1 15.26 1.55 5.17
N TYR A 2 15.73 1.58 3.93
CA TYR A 2 15.52 2.72 3.05
C TYR A 2 14.38 2.46 2.08
N HIS A 3 14.29 1.23 1.59
CA HIS A 3 13.24 0.84 0.66
C HIS A 3 11.86 1.22 1.20
N PHE A 4 11.79 1.41 2.51
CA PHE A 4 10.53 1.78 3.15
C PHE A 4 10.01 3.11 2.62
N TRP A 5 10.87 3.85 1.95
CA TRP A 5 10.50 5.14 1.38
C TRP A 5 9.49 4.97 0.26
N HIS A 6 9.63 3.90 -0.52
CA HIS A 6 8.72 3.61 -1.62
C HIS A 6 7.86 2.39 -1.32
N ARG A 7 8.46 1.40 -0.67
CA ARG A 7 7.74 0.17 -0.33
C ARG A 7 6.74 0.43 0.80
N GLY A 8 7.25 0.76 1.98
CA GLY A 8 6.40 1.01 3.12
C GLY A 8 5.40 2.13 2.85
N VAL A 9 5.71 2.97 1.87
CA VAL A 9 4.83 4.08 1.51
C VAL A 9 3.83 3.68 0.43
N THR A 10 4.08 2.53 -0.20
CA THR A 10 3.20 2.02 -1.24
C THR A 10 1.76 1.88 -0.74
N LYS A 11 1.60 1.90 0.58
CA LYS A 11 0.28 1.77 1.19
C LYS A 11 -0.69 2.77 0.57
N ARG A 12 -0.22 3.99 0.33
CA ARG A 12 -1.04 5.03 -0.25
C ARG A 12 -1.08 4.92 -1.77
N SER A 13 -0.08 4.24 -2.32
CA SER A 13 0.01 4.05 -3.77
C SER A 13 -0.85 2.88 -4.23
N LEU A 14 -1.20 2.01 -3.28
CA LEU A 14 -2.01 0.85 -3.58
C LEU A 14 -3.47 1.08 -3.20
N SER A 15 -3.68 1.90 -2.17
CA SER A 15 -5.03 2.21 -1.70
C SER A 15 -6.03 2.16 -2.86
N PRO A 16 -5.77 2.98 -3.89
CA PRO A 16 -6.64 3.05 -5.07
C PRO A 16 -6.57 1.78 -5.91
N HIS A 17 -6.82 0.64 -5.30
CA HIS A 17 -6.79 -0.64 -5.99
C HIS A 17 -7.97 -1.52 -5.59
N ARG A 18 -7.91 -2.80 -5.94
CA ARG A 18 -8.97 -3.73 -5.62
C ARG A 18 -9.38 -3.61 -4.16
N PRO A 19 -10.54 -3.00 -3.91
CA PRO A 19 -11.07 -2.80 -2.56
C PRO A 19 -11.52 -4.10 -1.92
N ARG A 20 -11.40 -5.20 -2.67
CA ARG A 20 -11.80 -6.51 -2.17
C ARG A 20 -10.99 -6.88 -0.93
N HIS A 21 -9.70 -7.12 -1.13
CA HIS A 21 -8.82 -7.50 -0.03
C HIS A 21 -8.25 -6.26 0.67
N SER A 22 -8.40 -5.10 0.02
CA SER A 22 -7.92 -3.85 0.57
C SER A 22 -8.34 -3.69 2.02
N ARG A 23 -9.44 -4.36 2.39
CA ARG A 23 -9.95 -4.29 3.75
C ARG A 23 -8.94 -4.86 4.74
N LEU A 24 -8.17 -5.85 4.30
CA LEU A 24 -7.17 -6.48 5.15
C LEU A 24 -5.79 -5.86 4.91
N GLN A 25 -5.67 -5.11 3.83
CA GLN A 25 -4.40 -4.45 3.49
C GLN A 25 -4.31 -3.09 4.14
N ARG A 26 -5.43 -2.39 4.22
CA ARG A 26 -5.47 -1.06 4.83
C ARG A 26 -4.81 -1.07 6.20
N TYR A 1 16.85 -0.11 5.63
CA TYR A 1 15.56 0.46 6.01
C TYR A 1 15.25 1.70 5.19
N TYR A 2 15.72 1.71 3.94
CA TYR A 2 15.49 2.83 3.05
C TYR A 2 14.35 2.54 2.08
N HIS A 3 14.29 1.30 1.62
CA HIS A 3 13.25 0.87 0.69
C HIS A 3 11.87 1.24 1.21
N PHE A 4 11.78 1.46 2.53
CA PHE A 4 10.52 1.82 3.16
C PHE A 4 9.97 3.13 2.58
N TRP A 5 10.83 3.86 1.90
CA TRP A 5 10.43 5.13 1.30
C TRP A 5 9.42 4.92 0.17
N HIS A 6 9.59 3.82 -0.56
CA HIS A 6 8.70 3.50 -1.67
C HIS A 6 7.85 2.27 -1.34
N ARG A 7 8.46 1.30 -0.68
CA ARG A 7 7.76 0.08 -0.30
C ARG A 7 6.77 0.34 0.81
N GLY A 8 7.27 0.70 1.98
CA GLY A 8 6.39 0.97 3.11
C GLY A 8 5.39 2.06 2.82
N VAL A 9 5.68 2.87 1.81
CA VAL A 9 4.79 3.96 1.43
C VAL A 9 3.80 3.51 0.36
N THR A 10 4.07 2.36 -0.24
CA THR A 10 3.21 1.82 -1.28
C THR A 10 1.76 1.70 -0.79
N LYS A 11 1.58 1.71 0.53
CA LYS A 11 0.26 1.60 1.12
C LYS A 11 -0.67 2.67 0.56
N ARG A 12 -0.16 3.89 0.40
CA ARG A 12 -0.94 4.99 -0.12
C ARG A 12 -0.99 4.95 -1.64
N SER A 13 -0.03 4.26 -2.24
CA SER A 13 0.05 4.14 -3.70
C SER A 13 -0.82 3.00 -4.20
N LEU A 14 -1.17 2.09 -3.29
CA LEU A 14 -2.00 0.94 -3.63
C LEU A 14 -3.45 1.18 -3.21
N SER A 15 -3.63 1.94 -2.15
CA SER A 15 -4.98 2.24 -1.65
C SER A 15 -6.00 2.22 -2.77
N PRO A 16 -5.78 3.08 -3.78
CA PRO A 16 -6.68 3.18 -4.94
C PRO A 16 -6.60 1.95 -5.84
N HIS A 17 -6.84 0.78 -5.25
CA HIS A 17 -6.79 -0.47 -6.01
C HIS A 17 -7.97 -1.37 -5.62
N ARG A 18 -7.91 -2.63 -6.06
CA ARG A 18 -8.97 -3.59 -5.76
C ARG A 18 -9.34 -3.55 -4.28
N PRO A 19 -10.49 -2.95 -3.98
CA PRO A 19 -10.99 -2.84 -2.61
C PRO A 19 -11.42 -4.18 -2.03
N ARG A 20 -11.30 -5.24 -2.84
CA ARG A 20 -11.67 -6.58 -2.41
C ARG A 20 -10.84 -7.02 -1.20
N HIS A 21 -9.54 -7.20 -1.43
CA HIS A 21 -8.64 -7.62 -0.37
C HIS A 21 -8.09 -6.41 0.39
N SER A 22 -8.26 -5.22 -0.18
CA SER A 22 -7.79 -4.00 0.44
C SER A 22 -8.23 -3.92 1.90
N ARG A 23 -9.28 -4.66 2.24
CA ARG A 23 -9.80 -4.69 3.59
C ARG A 23 -8.77 -5.26 4.56
N LEU A 24 -7.96 -6.18 4.08
CA LEU A 24 -6.93 -6.81 4.89
C LEU A 24 -5.57 -6.18 4.64
N GLN A 25 -5.48 -5.38 3.58
CA GLN A 25 -4.23 -4.71 3.24
C GLN A 25 -4.13 -3.36 3.92
N ARG A 26 -5.25 -2.66 4.01
CA ARG A 26 -5.28 -1.35 4.65
C ARG A 26 -4.67 -1.41 6.05
N TYR A 1 14.52 -0.53 5.65
CA TYR A 1 15.16 0.62 6.31
C TYR A 1 14.87 1.90 5.54
N TYR A 2 15.39 1.98 4.32
CA TYR A 2 15.19 3.16 3.48
C TYR A 2 14.08 2.93 2.47
N HIS A 3 14.01 1.71 1.94
CA HIS A 3 12.98 1.36 0.96
C HIS A 3 11.60 1.73 1.47
N PHE A 4 11.47 1.87 2.78
CA PHE A 4 10.20 2.21 3.40
C PHE A 4 9.69 3.57 2.88
N TRP A 5 10.58 4.33 2.26
CA TRP A 5 10.22 5.64 1.72
C TRP A 5 9.23 5.49 0.56
N HIS A 6 9.41 4.44 -0.22
CA HIS A 6 8.53 4.19 -1.38
C HIS A 6 7.66 2.97 -1.14
N ARG A 7 8.24 1.95 -0.51
CA ARG A 7 7.51 0.71 -0.22
C ARG A 7 6.49 0.93 0.88
N GLY A 8 6.97 1.22 2.09
CA GLY A 8 6.07 1.45 3.21
C GLY A 8 5.08 2.58 2.94
N VAL A 9 5.42 3.44 1.99
CA VAL A 9 4.55 4.56 1.64
C VAL A 9 3.58 4.18 0.52
N THR A 10 3.84 3.05 -0.13
CA THR A 10 3.00 2.58 -1.22
C THR A 10 1.57 2.37 -0.74
N LYS A 11 1.39 2.34 0.57
CA LYS A 11 0.05 2.15 1.15
C LYS A 11 -0.95 3.13 0.54
N ARG A 12 -0.52 4.37 0.35
CA ARG A 12 -1.39 5.39 -0.22
C ARG A 12 -1.38 5.33 -1.74
N SER A 13 -0.36 4.67 -2.29
CA SER A 13 -0.23 4.54 -3.74
C SER A 13 -1.02 3.33 -4.25
N LEU A 14 -1.34 2.42 -3.33
CA LEU A 14 -2.09 1.22 -3.68
C LEU A 14 -3.57 1.38 -3.34
N SER A 15 -3.85 2.15 -2.28
CA SER A 15 -5.23 2.38 -1.85
C SER A 15 -6.18 2.31 -3.03
N PRO A 16 -5.96 3.18 -4.03
CA PRO A 16 -6.80 3.24 -5.24
C PRO A 16 -6.61 2.02 -6.13
N HIS A 17 -6.84 0.83 -5.57
CA HIS A 17 -6.70 -0.42 -6.31
C HIS A 17 -7.83 -1.39 -5.95
N ARG A 18 -7.68 -2.63 -6.39
CA ARG A 18 -8.67 -3.66 -6.12
C ARG A 18 -9.06 -3.67 -4.63
N PRO A 19 -10.25 -3.15 -4.34
CA PRO A 19 -10.77 -3.09 -2.96
C PRO A 19 -11.11 -4.46 -2.41
N ARG A 20 -10.93 -5.49 -3.23
CA ARG A 20 -11.23 -6.86 -2.82
C ARG A 20 -10.34 -7.28 -1.65
N HIS A 21 -9.04 -7.37 -1.90
CA HIS A 21 -8.09 -7.76 -0.87
C HIS A 21 -7.60 -6.54 -0.10
N SER A 22 -7.88 -5.35 -0.62
CA SER A 22 -7.47 -4.11 0.02
C SER A 22 -7.86 -4.10 1.49
N ARG A 23 -8.88 -4.88 1.82
CA ARG A 23 -9.36 -4.96 3.20
C ARG A 23 -8.36 -5.69 4.08
N LEU A 24 -7.61 -6.61 3.48
CA LEU A 24 -6.60 -7.38 4.21
C LEU A 24 -5.21 -6.79 4.03
N GLN A 25 -5.08 -5.89 3.06
CA GLN A 25 -3.80 -5.25 2.77
C GLN A 25 -3.65 -3.98 3.60
N ARG A 26 -4.73 -3.24 3.75
CA ARG A 26 -4.72 -2.00 4.52
C ARG A 26 -4.11 -2.22 5.90
N TYR A 1 16.93 1.21 6.43
CA TYR A 1 15.61 1.04 5.82
C TYR A 1 15.19 2.32 5.09
N TYR A 2 15.65 2.46 3.85
CA TYR A 2 15.33 3.63 3.05
C TYR A 2 14.21 3.33 2.06
N HIS A 3 14.23 2.11 1.51
CA HIS A 3 13.22 1.69 0.55
C HIS A 3 11.81 1.95 1.10
N PHE A 4 11.71 2.02 2.42
CA PHE A 4 10.42 2.26 3.07
C PHE A 4 9.81 3.58 2.60
N TRP A 5 10.63 4.42 1.98
CA TRP A 5 10.18 5.71 1.49
C TRP A 5 9.18 5.53 0.35
N HIS A 6 9.41 4.52 -0.47
CA HIS A 6 8.54 4.23 -1.61
C HIS A 6 7.76 2.94 -1.39
N ARG A 7 8.43 1.95 -0.82
CA ARG A 7 7.80 0.66 -0.56
C ARG A 7 6.78 0.77 0.57
N GLY A 8 7.27 1.06 1.77
CA GLY A 8 6.38 1.18 2.92
C GLY A 8 5.31 2.23 2.71
N VAL A 9 5.55 3.14 1.77
CA VAL A 9 4.59 4.20 1.47
C VAL A 9 3.62 3.77 0.38
N THR A 10 3.96 2.68 -0.31
CA THR A 10 3.10 2.16 -1.38
C THR A 10 1.66 2.00 -0.91
N LYS A 11 1.48 1.90 0.39
CA LYS A 11 0.15 1.74 0.97
C LYS A 11 -0.80 2.81 0.44
N ARG A 12 -0.31 4.04 0.31
CA ARG A 12 -1.12 5.13 -0.19
C ARG A 12 -1.17 5.12 -1.72
N SER A 13 -0.19 4.46 -2.33
CA SER A 13 -0.11 4.39 -3.78
C SER A 13 -0.97 3.24 -4.31
N LEU A 14 -1.30 2.30 -3.43
CA LEU A 14 -2.11 1.15 -3.80
C LEU A 14 -3.57 1.35 -3.38
N SER A 15 -3.76 2.07 -2.28
CA SER A 15 -5.11 2.33 -1.77
C SER A 15 -6.12 2.36 -2.92
N PRO A 16 -5.91 3.27 -3.87
CA PRO A 16 -6.79 3.42 -5.03
C PRO A 16 -6.69 2.24 -5.99
N HIS A 17 -6.95 1.04 -5.47
CA HIS A 17 -6.89 -0.17 -6.29
C HIS A 17 -8.04 -1.11 -5.93
N ARG A 18 -7.96 -2.35 -6.44
CA ARG A 18 -8.99 -3.34 -6.17
C ARG A 18 -9.30 -3.41 -4.69
N PRO A 19 -10.47 -2.87 -4.30
CA PRO A 19 -10.91 -2.86 -2.90
C PRO A 19 -11.28 -4.25 -2.41
N ARG A 20 -11.19 -5.24 -3.29
CA ARG A 20 -11.52 -6.61 -2.94
C ARG A 20 -10.61 -7.12 -1.82
N HIS A 21 -9.31 -7.24 -2.13
CA HIS A 21 -8.34 -7.71 -1.15
C HIS A 21 -7.77 -6.57 -0.35
N SER A 22 -8.02 -5.34 -0.81
CA SER A 22 -7.53 -4.15 -0.12
C SER A 22 -7.87 -4.20 1.36
N ARG A 23 -8.91 -4.95 1.71
CA ARG A 23 -9.34 -5.08 3.09
C ARG A 23 -8.33 -5.90 3.90
N LEU A 24 -7.63 -6.81 3.22
CA LEU A 24 -6.64 -7.65 3.87
C LEU A 24 -5.23 -7.09 3.66
N GLN A 25 -5.10 -6.16 2.73
CA GLN A 25 -3.81 -5.54 2.43
C GLN A 25 -3.58 -4.32 3.31
N ARG A 26 -4.64 -3.55 3.54
CA ARG A 26 -4.55 -2.34 4.36
C ARG A 26 -3.89 -2.65 5.69
N TYR A 1 16.24 0.69 6.12
CA TYR A 1 15.18 0.35 5.18
C TYR A 1 14.80 1.55 4.32
N TYR A 2 15.79 2.12 3.65
CA TYR A 2 15.57 3.29 2.79
C TYR A 2 14.40 3.04 1.84
N HIS A 3 14.32 1.83 1.31
CA HIS A 3 13.25 1.47 0.38
C HIS A 3 11.89 1.85 0.95
N PHE A 4 11.82 1.95 2.27
CA PHE A 4 10.57 2.31 2.94
C PHE A 4 10.06 3.66 2.46
N TRP A 5 10.93 4.42 1.81
CA TRP A 5 10.57 5.73 1.29
C TRP A 5 9.55 5.62 0.17
N HIS A 6 9.67 4.56 -0.63
CA HIS A 6 8.76 4.33 -1.75
C HIS A 6 7.88 3.12 -1.48
N ARG A 7 8.47 2.08 -0.90
CA ARG A 7 7.75 0.86 -0.59
C ARG A 7 6.77 1.08 0.56
N GLY A 8 7.30 1.35 1.74
CA GLY A 8 6.45 1.58 2.90
C GLY A 8 5.47 2.71 2.70
N VAL A 9 5.76 3.57 1.72
CA VAL A 9 4.89 4.70 1.42
C VAL A 9 3.86 4.34 0.35
N THR A 10 4.09 3.21 -0.32
CA THR A 10 3.19 2.75 -1.36
C THR A 10 1.78 2.54 -0.82
N LYS A 11 1.66 2.51 0.50
CA LYS A 11 0.36 2.32 1.15
C LYS A 11 -0.67 3.29 0.60
N ARG A 12 -0.25 4.54 0.40
CA ARG A 12 -1.14 5.58 -0.13
C ARG A 12 -1.21 5.50 -1.65
N SER A 13 -0.23 4.84 -2.25
CA SER A 13 -0.18 4.71 -3.71
C SER A 13 -0.99 3.50 -4.17
N LEU A 14 -1.27 2.59 -3.24
CA LEU A 14 -2.04 1.39 -3.56
C LEU A 14 -3.50 1.55 -3.13
N SER A 15 -3.71 2.32 -2.07
CA SER A 15 -5.07 2.55 -1.58
C SER A 15 -6.09 2.48 -2.71
N PRO A 16 -5.92 3.35 -3.71
CA PRO A 16 -6.81 3.39 -4.87
C PRO A 16 -6.68 2.17 -5.77
N HIS A 17 -6.87 0.99 -5.19
CA HIS A 17 -6.77 -0.25 -5.95
C HIS A 17 -7.87 -1.23 -5.53
N ARG A 18 -7.75 -2.47 -5.97
CA ARG A 18 -8.74 -3.50 -5.65
C ARG A 18 -9.05 -3.50 -4.16
N PRO A 19 -10.24 -2.98 -3.80
CA PRO A 19 -10.69 -2.91 -2.41
C PRO A 19 -11.01 -4.28 -1.84
N ARG A 20 -10.87 -5.31 -2.66
CA ARG A 20 -11.14 -6.68 -2.24
C ARG A 20 -10.22 -7.09 -1.09
N HIS A 21 -8.92 -7.19 -1.40
CA HIS A 21 -7.93 -7.58 -0.40
C HIS A 21 -7.42 -6.35 0.35
N SER A 22 -7.72 -5.17 -0.17
CA SER A 22 -7.28 -3.92 0.45
C SER A 22 -7.63 -3.91 1.94
N ARG A 23 -8.64 -4.69 2.31
CA ARG A 23 -9.08 -4.76 3.70
C ARG A 23 -8.02 -5.47 4.55
N LEU A 24 -7.28 -6.38 3.94
CA LEU A 24 -6.25 -7.13 4.65
C LEU A 24 -4.88 -6.51 4.41
N GLN A 25 -4.78 -5.62 3.42
CA GLN A 25 -3.53 -4.96 3.10
C GLN A 25 -3.38 -3.67 3.89
N ARG A 26 -4.49 -2.97 4.09
CA ARG A 26 -4.48 -1.71 4.82
C ARG A 26 -3.76 -1.87 6.16
N TYR A 1 16.31 1.92 7.37
CA TYR A 1 15.31 1.57 6.37
C TYR A 1 14.99 2.77 5.48
N TYR A 2 15.51 2.74 4.25
CA TYR A 2 15.28 3.83 3.31
C TYR A 2 14.19 3.45 2.31
N HIS A 3 14.19 2.19 1.89
CA HIS A 3 13.21 1.70 0.93
C HIS A 3 11.79 2.03 1.40
N PHE A 4 11.65 2.29 2.70
CA PHE A 4 10.34 2.62 3.27
C PHE A 4 9.78 3.89 2.64
N TRP A 5 10.63 4.64 1.95
CA TRP A 5 10.22 5.87 1.32
C TRP A 5 9.26 5.59 0.16
N HIS A 6 9.49 4.48 -0.54
CA HIS A 6 8.65 4.10 -1.66
C HIS A 6 7.84 2.86 -1.33
N ARG A 7 8.46 1.92 -0.61
CA ARG A 7 7.80 0.69 -0.23
C ARG A 7 6.74 0.94 0.84
N GLY A 8 7.19 1.35 2.02
CA GLY A 8 6.27 1.62 3.11
C GLY A 8 5.23 2.67 2.74
N VAL A 9 5.53 3.46 1.72
CA VAL A 9 4.62 4.50 1.27
C VAL A 9 3.68 3.99 0.18
N THR A 10 4.01 2.82 -0.36
CA THR A 10 3.20 2.22 -1.42
C THR A 10 1.75 2.06 -0.97
N LYS A 11 1.53 2.11 0.33
CA LYS A 11 0.18 1.98 0.89
C LYS A 11 -0.76 3.00 0.28
N ARG A 12 -0.27 4.23 0.12
CA ARG A 12 -1.08 5.30 -0.46
C ARG A 12 -1.07 5.23 -1.98
N SER A 13 -0.05 4.57 -2.54
CA SER A 13 0.07 4.43 -3.98
C SER A 13 -0.75 3.24 -4.48
N LEU A 14 -1.09 2.34 -3.58
CA LEU A 14 -1.88 1.16 -3.93
C LEU A 14 -3.34 1.35 -3.58
N SER A 15 -3.60 2.12 -2.52
CA SER A 15 -4.97 2.38 -2.07
C SER A 15 -5.94 2.34 -3.26
N PRO A 16 -5.70 3.21 -4.24
CA PRO A 16 -6.55 3.29 -5.44
C PRO A 16 -6.39 2.07 -6.35
N HIS A 17 -6.64 0.89 -5.78
CA HIS A 17 -6.53 -0.36 -6.54
C HIS A 17 -7.67 -1.30 -6.19
N ARG A 18 -7.56 -2.55 -6.64
CA ARG A 18 -8.59 -3.55 -6.36
C ARG A 18 -8.98 -3.55 -4.89
N PRO A 19 -10.17 -3.00 -4.59
CA PRO A 19 -10.68 -2.93 -3.22
C PRO A 19 -11.06 -4.30 -2.66
N ARG A 20 -10.90 -5.33 -3.50
CA ARG A 20 -11.23 -6.69 -3.09
C ARG A 20 -10.37 -7.13 -1.90
N HIS A 21 -9.06 -7.24 -2.14
CA HIS A 21 -8.14 -7.66 -1.09
C HIS A 21 -7.63 -6.45 -0.31
N SER A 22 -7.87 -5.25 -0.85
CA SER A 22 -7.44 -4.02 -0.21
C SER A 22 -7.85 -4.00 1.26
N ARG A 23 -8.90 -4.74 1.58
CA ARG A 23 -9.40 -4.81 2.95
C ARG A 23 -8.42 -5.55 3.85
N LEU A 24 -7.67 -6.48 3.27
CA LEU A 24 -6.69 -7.25 4.02
C LEU A 24 -5.29 -6.67 3.86
N GLN A 25 -5.14 -5.78 2.89
CA GLN A 25 -3.84 -5.15 2.63
C GLN A 25 -3.71 -3.86 3.42
N ARG A 26 -4.81 -3.13 3.57
CA ARG A 26 -4.81 -1.87 4.30
C ARG A 26 -4.10 -2.03 5.65
N TYR A 1 15.89 -0.96 4.44
CA TYR A 1 15.80 0.13 5.40
C TYR A 1 15.45 1.43 4.68
N TYR A 2 15.88 1.54 3.43
CA TYR A 2 15.62 2.74 2.64
C TYR A 2 14.44 2.53 1.69
N HIS A 3 14.34 1.32 1.14
CA HIS A 3 13.26 0.99 0.22
C HIS A 3 11.91 1.35 0.82
N PHE A 4 11.86 1.42 2.14
CA PHE A 4 10.61 1.77 2.84
C PHE A 4 10.09 3.12 2.39
N TRP A 5 10.95 3.90 1.75
CA TRP A 5 10.58 5.23 1.28
C TRP A 5 9.53 5.13 0.16
N HIS A 6 9.65 4.09 -0.66
CA HIS A 6 8.72 3.89 -1.76
C HIS A 6 7.85 2.66 -1.52
N ARG A 7 8.46 1.61 -0.97
CA ARG A 7 7.74 0.37 -0.67
C ARG A 7 6.78 0.56 0.49
N GLY A 8 7.33 0.81 1.68
CA GLY A 8 6.50 1.01 2.86
C GLY A 8 5.51 2.14 2.68
N VAL A 9 5.78 3.03 1.73
CA VAL A 9 4.90 4.16 1.46
C VAL A 9 3.85 3.82 0.41
N THR A 10 4.08 2.70 -0.29
CA THR A 10 3.15 2.26 -1.32
C THR A 10 1.75 2.06 -0.77
N LYS A 11 1.64 2.00 0.56
CA LYS A 11 0.35 1.83 1.21
C LYS A 11 -0.67 2.83 0.70
N ARG A 12 -0.22 4.07 0.51
CA ARG A 12 -1.10 5.14 0.02
C ARG A 12 -1.18 5.11 -1.50
N SER A 13 -0.22 4.45 -2.13
CA SER A 13 -0.18 4.36 -3.58
C SER A 13 -1.03 3.18 -4.07
N LEU A 14 -1.32 2.26 -3.16
CA LEU A 14 -2.12 1.09 -3.50
C LEU A 14 -3.57 1.27 -3.07
N SER A 15 -3.77 2.03 -2.00
CA SER A 15 -5.10 2.28 -1.47
C SER A 15 -6.14 2.24 -2.58
N PRO A 16 -5.97 3.11 -3.60
CA PRO A 16 -6.88 3.20 -4.74
C PRO A 16 -6.77 1.97 -5.65
N HIS A 17 -6.98 0.79 -5.07
CA HIS A 17 -6.91 -0.45 -5.82
C HIS A 17 -8.05 -1.39 -5.44
N ARG A 18 -7.96 -2.63 -5.87
CA ARG A 18 -8.98 -3.63 -5.57
C ARG A 18 -9.34 -3.61 -4.10
N PRO A 19 -10.52 -3.05 -3.78
CA PRO A 19 -11.01 -2.95 -2.40
C PRO A 19 -11.39 -4.31 -1.82
N ARG A 20 -11.25 -5.35 -2.64
CA ARG A 20 -11.58 -6.71 -2.20
C ARG A 20 -10.75 -7.12 -1.00
N HIS A 21 -9.44 -7.29 -1.22
CA HIS A 21 -8.52 -7.68 -0.16
C HIS A 21 -8.02 -6.45 0.60
N SER A 22 -8.21 -5.28 0.01
CA SER A 22 -7.77 -4.03 0.63
C SER A 22 -8.22 -3.96 2.08
N ARG A 23 -9.25 -4.72 2.42
CA ARG A 23 -9.78 -4.74 3.78
C ARG A 23 -8.72 -5.25 4.75
N LEU A 24 -7.87 -6.16 4.29
CA LEU A 24 -6.81 -6.72 5.12
C LEU A 24 -5.48 -6.02 4.86
N GLN A 25 -5.43 -5.23 3.80
CA GLN A 25 -4.22 -4.50 3.44
C GLN A 25 -4.19 -3.14 4.11
N ARG A 26 -5.35 -2.50 4.22
CA ARG A 26 -5.45 -1.19 4.84
C ARG A 26 -4.77 -1.17 6.20
N TYR A 1 15.01 -0.03 5.20
CA TYR A 1 15.72 1.14 5.67
C TYR A 1 15.29 2.40 4.90
N TYR A 2 15.72 2.49 3.65
CA TYR A 2 15.38 3.63 2.80
C TYR A 2 14.23 3.29 1.87
N HIS A 3 14.23 2.06 1.35
CA HIS A 3 13.19 1.60 0.44
C HIS A 3 11.80 1.88 1.02
N PHE A 4 11.73 2.00 2.34
CA PHE A 4 10.46 2.27 3.01
C PHE A 4 9.84 3.57 2.51
N TRP A 5 10.65 4.38 1.84
CA TRP A 5 10.18 5.66 1.31
C TRP A 5 9.16 5.44 0.21
N HIS A 6 9.36 4.39 -0.59
CA HIS A 6 8.46 4.07 -1.68
C HIS A 6 7.68 2.78 -1.40
N ARG A 7 8.36 1.81 -0.80
CA ARG A 7 7.74 0.53 -0.47
C ARG A 7 6.75 0.69 0.68
N GLY A 8 7.27 1.03 1.86
CA GLY A 8 6.42 1.20 3.02
C GLY A 8 5.34 2.24 2.80
N VAL A 9 5.55 3.12 1.82
CA VAL A 9 4.60 4.17 1.51
C VAL A 9 3.60 3.70 0.44
N THR A 10 3.91 2.59 -0.21
CA THR A 10 3.05 2.04 -1.23
C THR A 10 1.62 1.88 -0.73
N LYS A 11 1.46 1.87 0.59
CA LYS A 11 0.14 1.73 1.20
C LYS A 11 -0.83 2.75 0.63
N ARG A 12 -0.35 3.98 0.44
CA ARG A 12 -1.18 5.04 -0.10
C ARG A 12 -1.23 4.98 -1.62
N SER A 13 -0.29 4.24 -2.21
CA SER A 13 -0.24 4.10 -3.66
C SER A 13 -1.07 2.92 -4.13
N LEU A 14 -1.37 2.02 -3.19
CA LEU A 14 -2.17 0.83 -3.51
C LEU A 14 -3.62 1.03 -3.11
N SER A 15 -3.84 1.81 -2.06
CA SER A 15 -5.19 2.09 -1.58
C SER A 15 -6.20 2.03 -2.73
N PRO A 16 -5.99 2.88 -3.74
CA PRO A 16 -6.87 2.95 -4.92
C PRO A 16 -6.75 1.70 -5.80
N HIS A 17 -6.98 0.54 -5.20
CA HIS A 17 -6.91 -0.73 -5.93
C HIS A 17 -8.07 -1.64 -5.55
N ARG A 18 -7.97 -2.90 -5.95
CA ARG A 18 -9.01 -3.88 -5.66
C ARG A 18 -9.42 -3.82 -4.18
N PRO A 19 -10.59 -3.24 -3.92
CA PRO A 19 -11.11 -3.11 -2.55
C PRO A 19 -11.52 -4.45 -1.95
N ARG A 20 -11.38 -5.51 -2.73
CA ARG A 20 -11.73 -6.85 -2.28
C ARG A 20 -10.93 -7.23 -1.05
N HIS A 21 -9.63 -7.42 -1.22
CA HIS A 21 -8.75 -7.79 -0.12
C HIS A 21 -8.26 -6.54 0.63
N SER A 22 -8.42 -5.39 -0.01
CA SER A 22 -7.98 -4.13 0.60
C SER A 22 -8.48 -4.02 2.03
N ARG A 23 -9.54 -4.76 2.35
CA ARG A 23 -10.09 -4.74 3.70
C ARG A 23 -9.07 -5.21 4.72
N LEU A 24 -8.21 -6.13 4.31
CA LEU A 24 -7.18 -6.67 5.19
C LEU A 24 -5.84 -5.97 4.97
N GLN A 25 -5.76 -5.21 3.88
CA GLN A 25 -4.54 -4.48 3.56
C GLN A 25 -4.53 -3.09 4.20
N ARG A 26 -5.71 -2.47 4.25
CA ARG A 26 -5.84 -1.14 4.84
C ARG A 26 -5.21 -1.09 6.22
N TYR A 1 16.81 0.40 6.15
CA TYR A 1 15.49 0.35 5.53
C TYR A 1 15.19 1.62 4.76
N TYR A 2 15.65 1.67 3.51
CA TYR A 2 15.43 2.85 2.67
C TYR A 2 14.27 2.62 1.71
N HIS A 3 14.17 1.40 1.21
CA HIS A 3 13.10 1.04 0.27
C HIS A 3 11.74 1.46 0.82
N PHE A 4 11.66 1.59 2.14
CA PHE A 4 10.41 1.98 2.80
C PHE A 4 9.93 3.33 2.29
N TRP A 5 10.83 4.07 1.63
CA TRP A 5 10.49 5.38 1.09
C TRP A 5 9.47 5.27 -0.03
N HIS A 6 9.58 4.20 -0.82
CA HIS A 6 8.67 3.97 -1.94
C HIS A 6 7.76 2.77 -1.66
N ARG A 7 8.34 1.73 -1.05
CA ARG A 7 7.58 0.52 -0.73
C ARG A 7 6.60 0.78 0.41
N GLY A 8 7.13 1.06 1.59
CA GLY A 8 6.28 1.32 2.74
C GLY A 8 5.32 2.46 2.50
N VAL A 9 5.63 3.31 1.52
CA VAL A 9 4.78 4.45 1.20
C VAL A 9 3.76 4.08 0.12
N THR A 10 3.97 2.94 -0.52
CA THR A 10 3.06 2.48 -1.56
C THR A 10 1.65 2.31 -1.03
N LYS A 11 1.52 2.30 0.30
CA LYS A 11 0.21 2.14 0.94
C LYS A 11 -0.79 3.13 0.37
N ARG A 12 -0.36 4.36 0.15
CA ARG A 12 -1.22 5.40 -0.40
C ARG A 12 -1.28 5.32 -1.92
N SER A 13 -0.30 4.64 -2.51
CA SER A 13 -0.24 4.47 -3.96
C SER A 13 -1.08 3.28 -4.41
N LEU A 14 -1.38 2.38 -3.48
CA LEU A 14 -2.16 1.20 -3.78
C LEU A 14 -3.63 1.40 -3.36
N SER A 15 -3.84 2.20 -2.33
CA SER A 15 -5.19 2.47 -1.84
C SER A 15 -6.20 2.37 -2.96
N PRO A 16 -6.03 3.19 -4.00
CA PRO A 16 -6.92 3.22 -5.16
C PRO A 16 -6.80 1.96 -6.02
N HIS A 17 -7.00 0.80 -5.39
CA HIS A 17 -6.91 -0.47 -6.09
C HIS A 17 -8.05 -1.40 -5.68
N ARG A 18 -7.94 -2.67 -6.06
CA ARG A 18 -8.96 -3.66 -5.73
C ARG A 18 -9.34 -3.57 -4.25
N PRO A 19 -10.52 -3.01 -3.97
CA PRO A 19 -11.03 -2.85 -2.61
C PRO A 19 -11.41 -4.19 -1.98
N ARG A 20 -11.26 -5.27 -2.74
CA ARG A 20 -11.58 -6.60 -2.26
C ARG A 20 -10.76 -6.95 -1.03
N HIS A 21 -9.45 -7.12 -1.22
CA HIS A 21 -8.55 -7.46 -0.12
C HIS A 21 -8.07 -6.19 0.59
N SER A 22 -8.25 -5.04 -0.06
CA SER A 22 -7.83 -3.77 0.51
C SER A 22 -8.29 -3.63 1.95
N ARG A 23 -9.33 -4.39 2.31
CA ARG A 23 -9.87 -4.36 3.67
C ARG A 23 -8.82 -4.81 4.67
N LEU A 24 -7.96 -5.73 4.27
CA LEU A 24 -6.91 -6.24 5.15
C LEU A 24 -5.59 -5.53 4.86
N GLN A 25 -5.53 -4.79 3.76
CA GLN A 25 -4.33 -4.07 3.39
C GLN A 25 -4.32 -2.67 4.00
N ARG A 26 -5.49 -2.06 4.07
CA ARG A 26 -5.61 -0.72 4.64
C ARG A 26 -4.95 -0.64 6.01
N TYR A 1 15.13 -0.10 5.35
CA TYR A 1 15.13 1.12 6.15
C TYR A 1 14.81 2.34 5.29
N TYR A 2 15.33 2.33 4.06
CA TYR A 2 15.10 3.44 3.14
C TYR A 2 14.00 3.10 2.14
N HIS A 3 13.97 1.84 1.71
CA HIS A 3 12.96 1.39 0.75
C HIS A 3 11.56 1.75 1.23
N PHE A 4 11.43 2.00 2.53
CA PHE A 4 10.14 2.36 3.11
C PHE A 4 9.59 3.64 2.50
N TRP A 5 10.46 4.38 1.82
CA TRP A 5 10.07 5.63 1.18
C TRP A 5 9.10 5.37 0.03
N HIS A 6 9.30 4.27 -0.68
CA HIS A 6 8.45 3.91 -1.79
C HIS A 6 7.60 2.68 -1.47
N ARG A 7 8.21 1.73 -0.76
CA ARG A 7 7.52 0.50 -0.39
C ARG A 7 6.48 0.77 0.70
N GLY A 8 6.94 1.17 1.88
CA GLY A 8 6.04 1.46 2.98
C GLY A 8 5.03 2.52 2.62
N VAL A 9 5.33 3.32 1.60
CA VAL A 9 4.44 4.39 1.17
C VAL A 9 3.49 3.90 0.08
N THR A 10 3.78 2.73 -0.48
CA THR A 10 2.95 2.14 -1.52
C THR A 10 1.50 2.02 -1.07
N LYS A 11 1.30 2.07 0.24
CA LYS A 11 -0.05 1.96 0.80
C LYS A 11 -0.98 3.00 0.19
N ARG A 12 -0.47 4.22 0.03
CA ARG A 12 -1.26 5.31 -0.54
C ARG A 12 -1.26 5.24 -2.07
N SER A 13 -0.27 4.55 -2.62
CA SER A 13 -0.15 4.40 -4.07
C SER A 13 -1.00 3.24 -4.57
N LEU A 14 -1.36 2.34 -3.66
CA LEU A 14 -2.17 1.19 -4.01
C LEU A 14 -3.64 1.41 -3.63
N SER A 15 -3.86 2.19 -2.57
CA SER A 15 -5.21 2.48 -2.12
C SER A 15 -6.20 2.43 -3.28
N PRO A 16 -5.97 3.27 -4.30
CA PRO A 16 -6.82 3.35 -5.49
C PRO A 16 -6.70 2.10 -6.36
N HIS A 17 -7.00 0.94 -5.78
CA HIS A 17 -6.93 -0.32 -6.50
C HIS A 17 -8.06 -1.26 -6.08
N ARG A 18 -7.96 -2.52 -6.50
CA ARG A 18 -8.98 -3.50 -6.16
C ARG A 18 -9.29 -3.48 -4.67
N PRO A 19 -10.47 -2.94 -4.32
CA PRO A 19 -10.91 -2.82 -2.93
C PRO A 19 -11.25 -4.19 -2.33
N ARG A 20 -11.12 -5.24 -3.14
CA ARG A 20 -11.42 -6.59 -2.68
C ARG A 20 -10.51 -6.99 -1.53
N HIS A 21 -9.21 -7.09 -1.81
CA HIS A 21 -8.23 -7.46 -0.79
C HIS A 21 -7.71 -6.23 -0.07
N SER A 22 -8.00 -5.06 -0.61
CA SER A 22 -7.55 -3.81 -0.02
C SER A 22 -7.95 -3.73 1.45
N ARG A 23 -8.95 -4.52 1.82
CA ARG A 23 -9.43 -4.53 3.20
C ARG A 23 -8.50 -5.35 4.09
N LEU A 24 -7.82 -6.32 3.49
CA LEU A 24 -6.90 -7.18 4.23
C LEU A 24 -5.46 -6.76 3.99
N GLN A 25 -5.25 -5.89 3.00
CA GLN A 25 -3.92 -5.40 2.67
C GLN A 25 -3.59 -4.14 3.44
N ARG A 26 -4.60 -3.29 3.64
CA ARG A 26 -4.42 -2.03 4.36
C ARG A 26 -3.73 -2.28 5.70
N TYR A 1 16.03 1.59 7.31
CA TYR A 1 15.45 1.18 6.04
C TYR A 1 15.12 2.39 5.18
N TYR A 2 15.60 2.38 3.94
CA TYR A 2 15.34 3.48 3.02
C TYR A 2 14.21 3.14 2.05
N HIS A 3 14.17 1.88 1.62
CA HIS A 3 13.14 1.43 0.70
C HIS A 3 11.74 1.78 1.22
N PHE A 4 11.66 2.04 2.51
CA PHE A 4 10.38 2.39 3.13
C PHE A 4 9.83 3.68 2.53
N TRP A 5 10.67 4.41 1.83
CA TRP A 5 10.26 5.66 1.20
C TRP A 5 9.26 5.40 0.08
N HIS A 6 9.45 4.30 -0.64
CA HIS A 6 8.55 3.94 -1.73
C HIS A 6 7.72 2.70 -1.38
N ARG A 7 8.36 1.75 -0.68
CA ARG A 7 7.68 0.53 -0.29
C ARG A 7 6.66 0.81 0.81
N GLY A 8 7.16 1.21 1.99
CA GLY A 8 6.28 1.49 3.11
C GLY A 8 5.26 2.56 2.79
N VAL A 9 5.53 3.35 1.75
CA VAL A 9 4.63 4.42 1.35
C VAL A 9 3.65 3.93 0.29
N THR A 10 3.93 2.75 -0.28
CA THR A 10 3.08 2.17 -1.31
C THR A 10 1.65 2.03 -0.81
N LYS A 11 1.47 2.07 0.51
CA LYS A 11 0.15 1.95 1.11
C LYS A 11 -0.81 2.98 0.53
N ARG A 12 -0.31 4.21 0.36
CA ARG A 12 -1.13 5.29 -0.18
C ARG A 12 -1.18 5.23 -1.70
N SER A 13 -0.21 4.53 -2.29
CA SER A 13 -0.13 4.40 -3.74
C SER A 13 -0.94 3.21 -4.22
N LEU A 14 -1.26 2.30 -3.30
CA LEU A 14 -2.04 1.11 -3.63
C LEU A 14 -3.51 1.30 -3.25
N SER A 15 -3.74 2.07 -2.20
CA SER A 15 -5.09 2.33 -1.72
C SER A 15 -6.10 2.27 -2.87
N PRO A 16 -5.87 3.11 -3.89
CA PRO A 16 -6.74 3.17 -5.07
C PRO A 16 -6.62 1.93 -5.95
N HIS A 17 -6.84 0.76 -5.35
CA HIS A 17 -6.75 -0.49 -6.08
C HIS A 17 -7.90 -1.43 -5.71
N ARG A 18 -7.79 -2.69 -6.12
CA ARG A 18 -8.83 -3.67 -5.83
C ARG A 18 -9.23 -3.62 -4.35
N PRO A 19 -10.41 -3.05 -4.09
CA PRO A 19 -10.94 -2.92 -2.72
C PRO A 19 -11.35 -4.27 -2.13
N ARG A 20 -11.17 -5.33 -2.91
CA ARG A 20 -11.51 -6.67 -2.46
C ARG A 20 -10.69 -7.07 -1.25
N HIS A 21 -9.38 -7.21 -1.44
CA HIS A 21 -8.49 -7.58 -0.35
C HIS A 21 -8.00 -6.35 0.40
N SER A 22 -8.19 -5.18 -0.20
CA SER A 22 -7.77 -3.93 0.41
C SER A 22 -8.25 -3.84 1.85
N ARG A 23 -9.28 -4.61 2.18
CA ARG A 23 -9.83 -4.62 3.53
C ARG A 23 -8.81 -5.14 4.53
N LEU A 24 -7.96 -6.05 4.08
CA LEU A 24 -6.92 -6.63 4.93
C LEU A 24 -5.58 -5.96 4.70
N GLN A 25 -5.49 -5.17 3.64
CA GLN A 25 -4.26 -4.47 3.29
C GLN A 25 -4.23 -3.09 3.93
N ARG A 26 -5.40 -2.45 4.02
CA ARG A 26 -5.50 -1.12 4.59
C ARG A 26 -4.79 -1.06 5.95
N TYR A 1 14.64 0.01 5.46
CA TYR A 1 14.42 1.26 6.17
C TYR A 1 14.22 2.41 5.18
N TYR A 2 14.89 2.34 4.04
CA TYR A 2 14.80 3.38 3.02
C TYR A 2 13.84 2.95 1.91
N HIS A 3 13.86 1.66 1.58
CA HIS A 3 13.00 1.13 0.53
C HIS A 3 11.55 1.51 0.77
N PHE A 4 11.23 1.85 2.02
CA PHE A 4 9.88 2.25 2.38
C PHE A 4 9.44 3.48 1.60
N TRP A 5 10.39 4.14 0.96
CA TRP A 5 10.10 5.34 0.18
C TRP A 5 9.32 4.99 -1.08
N HIS A 6 9.64 3.84 -1.66
CA HIS A 6 8.96 3.38 -2.87
C HIS A 6 8.11 2.14 -2.59
N ARG A 7 8.58 1.29 -1.69
CA ARG A 7 7.87 0.08 -1.34
C ARG A 7 6.92 0.33 -0.17
N GLY A 8 7.32 1.23 0.72
CA GLY A 8 6.49 1.54 1.87
C GLY A 8 5.51 2.68 1.59
N VAL A 9 5.74 3.40 0.51
CA VAL A 9 4.88 4.50 0.13
C VAL A 9 3.77 4.04 -0.81
N THR A 10 3.99 2.89 -1.45
CA THR A 10 3.01 2.34 -2.37
C THR A 10 1.66 2.11 -1.67
N LYS A 11 1.69 2.11 -0.34
CA LYS A 11 0.47 1.89 0.43
C LYS A 11 -0.60 2.93 0.07
N ARG A 12 -0.17 4.18 -0.09
CA ARG A 12 -1.09 5.26 -0.44
C ARG A 12 -1.36 5.27 -1.94
N SER A 13 -0.45 4.66 -2.71
CA SER A 13 -0.59 4.62 -4.16
C SER A 13 -1.46 3.44 -4.59
N LEU A 14 -1.62 2.48 -3.69
CA LEU A 14 -2.43 1.29 -3.97
C LEU A 14 -3.81 1.42 -3.35
N SER A 15 -3.89 2.10 -2.21
CA SER A 15 -5.16 2.29 -1.51
C SER A 15 -6.32 2.33 -2.50
N PRO A 16 -6.25 3.26 -3.46
CA PRO A 16 -7.29 3.42 -4.48
C PRO A 16 -7.30 2.27 -5.48
N HIS A 17 -7.46 1.05 -4.97
CA HIS A 17 -7.48 -0.14 -5.81
C HIS A 17 -8.53 -1.13 -5.31
N ARG A 18 -8.49 -2.34 -5.84
CA ARG A 18 -9.44 -3.39 -5.46
C ARG A 18 -9.55 -3.47 -3.94
N PRO A 19 -10.67 -2.97 -3.40
CA PRO A 19 -10.93 -2.98 -1.96
C PRO A 19 -11.19 -4.38 -1.43
N ARG A 20 -11.19 -5.36 -2.33
CA ARG A 20 -11.43 -6.75 -1.95
C ARG A 20 -10.38 -7.23 -0.96
N HIS A 21 -9.14 -7.36 -1.44
CA HIS A 21 -8.04 -7.82 -0.60
C HIS A 21 -7.41 -6.64 0.15
N SER A 22 -7.74 -5.42 -0.28
CA SER A 22 -7.20 -4.22 0.35
C SER A 22 -7.34 -4.28 1.87
N ARG A 23 -8.32 -5.07 2.32
CA ARG A 23 -8.56 -5.21 3.75
C ARG A 23 -7.43 -5.96 4.43
N LEU A 24 -6.78 -6.84 3.68
CA LEU A 24 -5.67 -7.64 4.20
C LEU A 24 -4.34 -7.02 3.82
N GLN A 25 -4.36 -6.08 2.87
CA GLN A 25 -3.15 -5.40 2.42
C GLN A 25 -2.88 -4.15 3.25
N ARG A 26 -3.96 -3.46 3.62
CA ARG A 26 -3.84 -2.24 4.42
C ARG A 26 -2.96 -2.46 5.64
N TYR A 1 16.35 0.77 6.95
CA TYR A 1 15.72 0.55 5.64
C TYR A 1 15.34 1.88 5.01
N TYR A 2 15.78 2.09 3.77
CA TYR A 2 15.48 3.32 3.04
C TYR A 2 14.33 3.10 2.06
N HIS A 3 14.31 1.93 1.43
CA HIS A 3 13.27 1.60 0.47
C HIS A 3 11.89 1.86 1.06
N PHE A 4 11.80 1.86 2.39
CA PHE A 4 10.53 2.10 3.06
C PHE A 4 9.95 3.46 2.69
N TRP A 5 10.80 4.31 2.11
CA TRP A 5 10.37 5.64 1.70
C TRP A 5 9.35 5.57 0.57
N HIS A 6 9.54 4.59 -0.31
CA HIS A 6 8.64 4.41 -1.45
C HIS A 6 7.82 3.13 -1.29
N ARG A 7 8.46 2.08 -0.79
CA ARG A 7 7.81 0.80 -0.60
C ARG A 7 6.81 0.87 0.56
N GLY A 8 7.32 1.07 1.77
CA GLY A 8 6.46 1.15 2.93
C GLY A 8 5.43 2.25 2.81
N VAL A 9 5.67 3.21 1.92
CA VAL A 9 4.74 4.31 1.70
C VAL A 9 3.74 3.98 0.60
N THR A 10 4.02 2.91 -0.15
CA THR A 10 3.14 2.50 -1.23
C THR A 10 1.73 2.23 -0.73
N LYS A 11 1.60 2.09 0.59
CA LYS A 11 0.30 1.82 1.20
C LYS A 11 -0.74 2.82 0.71
N ARG A 12 -0.34 4.09 0.60
CA ARG A 12 -1.23 5.14 0.14
C ARG A 12 -1.30 5.19 -1.38
N SER A 13 -0.27 4.64 -2.02
CA SER A 13 -0.20 4.62 -3.48
C SER A 13 -0.99 3.45 -4.04
N LEU A 14 -1.28 2.47 -3.20
CA LEU A 14 -2.04 1.28 -3.62
C LEU A 14 -3.49 1.40 -3.19
N SER A 15 -3.72 2.09 -2.07
CA SER A 15 -5.07 2.26 -1.55
C SER A 15 -6.10 2.27 -2.69
N PRO A 16 -5.92 3.21 -3.63
CA PRO A 16 -6.81 3.35 -4.78
C PRO A 16 -6.68 2.19 -5.77
N HIS A 17 -6.86 0.97 -5.26
CA HIS A 17 -6.76 -0.22 -6.09
C HIS A 17 -7.88 -1.21 -5.76
N ARG A 18 -7.76 -2.43 -6.26
CA ARG A 18 -8.76 -3.46 -6.02
C ARG A 18 -9.14 -3.52 -4.54
N PRO A 19 -10.33 -3.00 -4.21
CA PRO A 19 -10.82 -2.98 -2.83
C PRO A 19 -11.19 -4.37 -2.33
N ARG A 20 -11.02 -5.37 -3.20
CA ARG A 20 -11.32 -6.75 -2.83
C ARG A 20 -10.45 -7.21 -1.67
N HIS A 21 -9.16 -7.32 -1.92
CA HIS A 21 -8.21 -7.76 -0.90
C HIS A 21 -7.70 -6.57 -0.09
N SER A 22 -7.95 -5.36 -0.59
CA SER A 22 -7.51 -4.14 0.08
C SER A 22 -7.90 -4.18 1.56
N ARG A 23 -8.93 -4.94 1.88
CA ARG A 23 -9.40 -5.05 3.25
C ARG A 23 -8.35 -5.71 4.14
N LEU A 24 -7.55 -6.59 3.54
CA LEU A 24 -6.50 -7.29 4.27
C LEU A 24 -5.15 -6.62 4.07
N GLN A 25 -5.08 -5.72 3.09
CA GLN A 25 -3.85 -5.01 2.79
C GLN A 25 -3.77 -3.71 3.61
N ARG A 26 -4.90 -3.05 3.77
CA ARG A 26 -4.96 -1.80 4.52
C ARG A 26 -4.37 -1.98 5.91
N TYR A 1 14.93 -0.76 4.93
CA TYR A 1 15.48 0.40 5.64
C TYR A 1 15.17 1.68 4.89
N TYR A 2 15.62 1.76 3.65
CA TYR A 2 15.40 2.94 2.82
C TYR A 2 14.23 2.72 1.85
N HIS A 3 14.13 1.50 1.33
CA HIS A 3 13.06 1.16 0.39
C HIS A 3 11.70 1.56 0.96
N PHE A 4 11.62 1.66 2.28
CA PHE A 4 10.38 2.03 2.94
C PHE A 4 9.88 3.39 2.45
N TRP A 5 10.77 4.13 1.81
CA TRP A 5 10.42 5.46 1.30
C TRP A 5 9.40 5.35 0.17
N HIS A 6 9.52 4.29 -0.63
CA HIS A 6 8.60 4.08 -1.74
C HIS A 6 7.71 2.87 -1.49
N ARG A 7 8.29 1.83 -0.90
CA ARG A 7 7.55 0.61 -0.60
C ARG A 7 6.57 0.83 0.55
N GLY A 8 7.10 1.10 1.73
CA GLY A 8 6.26 1.34 2.89
C GLY A 8 5.28 2.47 2.67
N VAL A 9 5.58 3.34 1.71
CA VAL A 9 4.72 4.47 1.41
C VAL A 9 3.70 4.13 0.33
N THR A 10 3.92 2.99 -0.34
CA THR A 10 3.01 2.55 -1.38
C THR A 10 1.61 2.31 -0.85
N LYS A 11 1.49 2.29 0.47
CA LYS A 11 0.20 2.08 1.13
C LYS A 11 -0.85 3.03 0.56
N ARG A 12 -0.47 4.28 0.33
CA ARG A 12 -1.37 5.28 -0.21
C ARG A 12 -1.42 5.20 -1.73
N SER A 13 -0.40 4.59 -2.32
CA SER A 13 -0.33 4.46 -3.77
C SER A 13 -1.13 3.24 -4.24
N LEU A 14 -1.41 2.34 -3.31
CA LEU A 14 -2.17 1.12 -3.63
C LEU A 14 -3.62 1.27 -3.23
N SER A 15 -3.87 2.06 -2.18
CA SER A 15 -5.23 2.29 -1.70
C SER A 15 -6.24 2.20 -2.83
N PRO A 16 -6.05 3.03 -3.86
CA PRO A 16 -6.93 3.07 -5.03
C PRO A 16 -6.78 1.83 -5.90
N HIS A 17 -6.97 0.66 -5.29
CA HIS A 17 -6.86 -0.61 -6.01
C HIS A 17 -7.99 -1.56 -5.60
N ARG A 18 -7.86 -2.82 -5.98
CA ARG A 18 -8.85 -3.83 -5.66
C ARG A 18 -9.25 -3.75 -4.19
N PRO A 19 -10.45 -3.20 -3.92
CA PRO A 19 -10.96 -3.06 -2.55
C PRO A 19 -11.32 -4.40 -1.93
N ARG A 20 -11.17 -5.47 -2.69
CA ARG A 20 -11.47 -6.81 -2.22
C ARG A 20 -10.65 -7.16 -0.98
N HIS A 21 -9.34 -7.32 -1.18
CA HIS A 21 -8.44 -7.64 -0.08
C HIS A 21 -7.97 -6.37 0.64
N SER A 22 -8.17 -5.23 -0.01
CA SER A 22 -7.76 -3.96 0.57
C SER A 22 -8.24 -3.82 2.01
N ARG A 23 -9.26 -4.60 2.36
CA ARG A 23 -9.82 -4.57 3.71
C ARG A 23 -8.78 -5.02 4.73
N LEU A 24 -7.90 -5.93 4.30
CA LEU A 24 -6.86 -6.45 5.19
C LEU A 24 -5.53 -5.74 4.93
N GLN A 25 -5.47 -4.98 3.83
CA GLN A 25 -4.26 -4.25 3.47
C GLN A 25 -4.26 -2.86 4.10
N ARG A 26 -5.43 -2.24 4.14
CA ARG A 26 -5.57 -0.91 4.71
C ARG A 26 -4.93 -0.83 6.09
N TYR A 1 14.91 -0.63 5.08
CA TYR A 1 15.65 0.49 5.65
C TYR A 1 15.28 1.80 4.95
N TYR A 2 15.72 1.95 3.71
CA TYR A 2 15.44 3.14 2.93
C TYR A 2 14.28 2.92 1.97
N HIS A 3 14.24 1.72 1.39
CA HIS A 3 13.19 1.37 0.44
C HIS A 3 11.80 1.67 1.03
N PHE A 4 11.73 1.72 2.35
CA PHE A 4 10.47 2.01 3.04
C PHE A 4 9.91 3.36 2.60
N TRP A 5 10.76 4.17 2.00
CA TRP A 5 10.35 5.49 1.54
C TRP A 5 9.33 5.39 0.41
N HIS A 6 9.49 4.38 -0.44
CA HIS A 6 8.58 4.16 -1.56
C HIS A 6 7.76 2.90 -1.35
N ARG A 7 8.39 1.87 -0.82
CA ARG A 7 7.70 0.60 -0.56
C ARG A 7 6.72 0.74 0.60
N GLY A 8 7.24 0.97 1.79
CA GLY A 8 6.39 1.12 2.96
C GLY A 8 5.36 2.22 2.80
N VAL A 9 5.61 3.14 1.87
CA VAL A 9 4.71 4.25 1.61
C VAL A 9 3.70 3.90 0.52
N THR A 10 3.96 2.81 -0.18
CA THR A 10 3.07 2.36 -1.26
C THR A 10 1.65 2.16 -0.74
N LYS A 11 1.51 2.06 0.58
CA LYS A 11 0.21 1.87 1.20
C LYS A 11 -0.80 2.90 0.69
N ARG A 12 -0.34 4.14 0.54
CA ARG A 12 -1.20 5.22 0.07
C ARG A 12 -1.26 5.22 -1.45
N SER A 13 -0.29 4.57 -2.08
CA SER A 13 -0.23 4.51 -3.54
C SER A 13 -1.07 3.35 -4.07
N LEU A 14 -1.37 2.40 -3.19
CA LEU A 14 -2.17 1.24 -3.56
C LEU A 14 -3.62 1.41 -3.13
N SER A 15 -3.83 2.16 -2.05
CA SER A 15 -5.17 2.39 -1.54
C SER A 15 -6.20 2.37 -2.67
N PRO A 16 -6.01 3.25 -3.65
CA PRO A 16 -6.91 3.36 -4.81
C PRO A 16 -6.80 2.15 -5.74
N HIS A 17 -7.00 0.96 -5.18
CA HIS A 17 -6.92 -0.26 -5.97
C HIS A 17 -8.07 -1.21 -5.62
N ARG A 18 -7.97 -2.46 -6.07
CA ARG A 18 -8.99 -3.45 -5.81
C ARG A 18 -9.37 -3.46 -4.33
N PRO A 19 -10.56 -2.90 -4.02
CA PRO A 19 -11.05 -2.84 -2.65
C PRO A 19 -11.45 -4.20 -2.11
N ARG A 20 -11.29 -5.23 -2.93
CA ARG A 20 -11.62 -6.60 -2.54
C ARG A 20 -10.79 -7.03 -1.34
N HIS A 21 -9.48 -7.18 -1.57
CA HIS A 21 -8.57 -7.59 -0.51
C HIS A 21 -8.06 -6.39 0.28
N SER A 22 -8.27 -5.20 -0.27
CA SER A 22 -7.83 -3.97 0.38
C SER A 22 -8.28 -3.95 1.84
N ARG A 23 -9.31 -4.73 2.16
CA ARG A 23 -9.83 -4.80 3.52
C ARG A 23 -8.78 -5.34 4.47
N LEU A 24 -7.94 -6.24 3.97
CA LEU A 24 -6.89 -6.85 4.78
C LEU A 24 -5.55 -6.16 4.55
N GLN A 25 -5.49 -5.34 3.50
CA GLN A 25 -4.26 -4.62 3.17
C GLN A 25 -4.22 -3.26 3.87
N ARG A 26 -5.38 -2.62 3.99
CA ARG A 26 -5.47 -1.32 4.64
C ARG A 26 -4.79 -1.35 6.01
#